data_5XZ8
#
_entry.id   5XZ8
#
_cell.length_a   75.360
_cell.length_b   79.830
_cell.length_c   120.390
_cell.angle_alpha   90.00
_cell.angle_beta   90.00
_cell.angle_gamma   90.00
#
_symmetry.space_group_name_H-M   'I 2 2 2'
#
loop_
_entity.id
_entity.type
_entity.pdbx_description
1 polymer 'ATP-dependent 6-phosphofructokinase'
2 non-polymer 6-O-phosphono-beta-D-fructofuranose
3 non-polymer GLYCEROL
4 non-polymer 'MAGNESIUM ION'
5 non-polymer 'PHOSPHOAMINOPHOSPHONIC ACID-ADENYLATE ESTER'
6 water water
#
_entity_poly.entity_id   1
_entity_poly.type   'polypeptide(L)'
_entity_poly.pdbx_seq_one_letter_code
;MKKIAVLTSGGDSPGMNAAVRAVVRTAIYNEIEVYGVYHGYQGLLNDDIHKLELGSVGDTIQRGGTFLYSARCPEFKEQE
VRKVAIENLRKRGIEGLVVIGGDGSYRGAQRISEECKEIQTIGIPGTIDNDINGTDFTIGFDTALNTIIGLVDKIRDTAS
SHARTFIIEAMGRDCGDLALWAGLSVGAETIVVPEVKTDIKEIADKIEQGIKRGKKHSIVLVAEGCMTAQDCQKELSQYI
NVDNRVSVLGHVQRGGSPTGADRVLASRLGGYAVDLLMQGETAKGVGIKNNKIVATSFDEIFDGKDHKFDYSLYELANKL
SILEHHHHHH
;
_entity_poly.pdbx_strand_id   A
#
loop_
_chem_comp.id
_chem_comp.type
_chem_comp.name
_chem_comp.formula
ANP non-polymer 'PHOSPHOAMINOPHOSPHONIC ACID-ADENYLATE ESTER' 'C10 H17 N6 O12 P3'
F6P D-saccharide, beta linking 6-O-phosphono-beta-D-fructofuranose 'C6 H13 O9 P'
GOL non-polymer GLYCEROL 'C3 H8 O3'
MG non-polymer 'MAGNESIUM ION' 'Mg 2'
#
# COMPACT_ATOMS: atom_id res chain seq x y z
N MET A 1 -25.37 -15.34 -5.16
CA MET A 1 -24.47 -14.38 -4.55
C MET A 1 -25.44 -13.31 -4.10
N LYS A 2 -26.11 -13.56 -2.96
CA LYS A 2 -27.11 -12.66 -2.42
C LYS A 2 -26.61 -11.76 -1.26
N LYS A 3 -25.66 -12.09 -0.58
CA LYS A 3 -25.00 -11.44 0.54
C LYS A 3 -23.52 -11.48 0.43
N ILE A 4 -22.90 -10.31 0.57
CA ILE A 4 -21.43 -10.23 0.54
C ILE A 4 -21.01 -9.42 1.72
N ALA A 5 -19.79 -9.67 2.18
CA ALA A 5 -19.20 -8.84 3.21
C ALA A 5 -17.93 -8.17 2.64
N VAL A 6 -17.50 -7.10 3.28
CA VAL A 6 -16.29 -6.35 2.84
C VAL A 6 -15.56 -5.94 4.09
N LEU A 7 -14.25 -5.98 4.03
CA LEU A 7 -13.45 -5.59 5.18
C LEU A 7 -12.11 -5.04 4.71
N THR A 8 -11.48 -4.28 5.60
CA THR A 8 -10.18 -3.71 5.35
C THR A 8 -9.24 -4.23 6.40
N SER A 9 -8.10 -4.72 5.94
CA SER A 9 -7.10 -5.37 6.80
C SER A 9 -5.68 -4.96 6.41
N GLY A 10 -4.75 -5.17 7.30
CA GLY A 10 -3.39 -4.59 7.18
C GLY A 10 -3.32 -3.07 7.31
N GLY A 11 -2.15 -2.49 7.03
CA GLY A 11 -1.96 -1.02 7.14
C GLY A 11 -2.91 -0.30 6.21
N ASP A 12 -3.64 0.67 6.76
CA ASP A 12 -4.55 1.48 5.93
C ASP A 12 -3.82 2.23 4.84
N SER A 13 -4.55 2.65 3.84
CA SER A 13 -3.98 3.40 2.74
C SER A 13 -5.05 4.28 2.14
N PRO A 14 -4.63 5.45 1.63
CA PRO A 14 -5.57 6.32 0.96
C PRO A 14 -6.20 5.65 -0.25
N GLY A 15 -7.50 5.67 -0.29
CA GLY A 15 -8.23 5.00 -1.39
C GLY A 15 -9.01 3.79 -0.90
N MET A 16 -8.65 3.31 0.30
CA MET A 16 -9.45 2.20 0.83
C MET A 16 -10.95 2.56 0.96
N ASN A 17 -11.24 3.82 1.33
CA ASN A 17 -12.64 4.23 1.43
C ASN A 17 -13.30 4.16 0.09
N ALA A 18 -12.63 4.64 -0.95
CA ALA A 18 -13.16 4.55 -2.33
C ALA A 18 -13.48 3.10 -2.79
N ALA A 19 -12.61 2.18 -2.35
CA ALA A 19 -12.74 0.81 -2.73
C ALA A 19 -13.96 0.23 -2.06
N VAL A 20 -14.11 0.50 -0.78
CA VAL A 20 -15.26 0.04 -0.02
C VAL A 20 -16.56 0.58 -0.63
N ARG A 21 -16.57 1.90 -0.89
CA ARG A 21 -17.66 2.59 -1.63
C ARG A 21 -18.05 1.90 -2.90
N ALA A 22 -17.06 1.60 -3.76
CA ALA A 22 -17.35 0.90 -4.99
C ALA A 22 -17.92 -0.53 -4.77
N VAL A 23 -17.38 -1.24 -3.77
CA VAL A 23 -17.92 -2.56 -3.41
C VAL A 23 -19.39 -2.37 -2.98
N VAL A 24 -19.64 -1.49 -2.04
CA VAL A 24 -21.00 -1.28 -1.54
C VAL A 24 -21.99 -0.87 -2.62
N ARG A 25 -21.65 0.15 -3.40
CA ARG A 25 -22.51 0.62 -4.46
C ARG A 25 -22.72 -0.44 -5.56
N THR A 26 -21.66 -1.15 -5.95
CA THR A 26 -21.78 -2.11 -7.03
C THR A 26 -22.68 -3.26 -6.54
N ALA A 27 -22.50 -3.63 -5.29
CA ALA A 27 -23.35 -4.69 -4.73
C ALA A 27 -24.86 -4.30 -4.70
N ILE A 28 -25.15 -3.15 -4.13
CA ILE A 28 -26.50 -2.66 -4.00
C ILE A 28 -27.16 -2.48 -5.40
N TYR A 29 -26.44 -1.95 -6.36
CA TYR A 29 -26.87 -1.84 -7.76
C TYR A 29 -27.29 -3.20 -8.32
N ASN A 30 -26.56 -4.26 -7.98
CA ASN A 30 -26.93 -5.61 -8.38
C ASN A 30 -27.90 -6.37 -7.41
N GLU A 31 -28.60 -5.65 -6.55
CA GLU A 31 -29.51 -6.25 -5.57
C GLU A 31 -28.86 -7.30 -4.65
N ILE A 32 -27.65 -6.95 -4.20
CA ILE A 32 -26.87 -7.77 -3.28
C ILE A 32 -26.78 -7.01 -1.98
N GLU A 33 -27.09 -7.71 -0.90
CA GLU A 33 -26.94 -7.12 0.45
C GLU A 33 -25.48 -7.18 0.82
N VAL A 34 -25.04 -6.16 1.54
CA VAL A 34 -23.64 -5.93 1.88
C VAL A 34 -23.51 -5.60 3.32
N TYR A 35 -22.56 -6.28 3.95
CA TYR A 35 -22.23 -6.10 5.34
C TYR A 35 -20.79 -5.60 5.45
N GLY A 36 -20.62 -4.60 6.26
CA GLY A 36 -19.35 -4.08 6.66
C GLY A 36 -18.81 -4.94 7.83
N VAL A 37 -17.61 -5.47 7.67
CA VAL A 37 -16.89 -6.02 8.80
C VAL A 37 -15.90 -4.96 9.27
N TYR A 38 -15.92 -4.66 10.58
CA TYR A 38 -15.12 -3.60 11.19
C TYR A 38 -13.92 -4.15 11.98
N HIS A 39 -12.80 -3.43 11.92
CA HIS A 39 -11.56 -3.82 12.53
C HIS A 39 -10.93 -5.06 11.88
N GLY A 40 -11.01 -5.15 10.54
CA GLY A 40 -10.42 -6.27 9.81
C GLY A 40 -10.82 -7.68 10.31
N TYR A 41 -9.88 -8.61 10.31
CA TYR A 41 -10.16 -9.94 10.82
C TYR A 41 -10.61 -10.00 12.29
N GLN A 42 -10.12 -9.09 13.13
CA GLN A 42 -10.62 -8.99 14.48
C GLN A 42 -12.15 -8.85 14.55
N GLY A 43 -12.74 -8.08 13.64
CA GLY A 43 -14.20 -7.92 13.65
C GLY A 43 -14.94 -9.12 13.16
N LEU A 44 -14.29 -9.86 12.27
CA LEU A 44 -14.83 -11.15 11.81
C LEU A 44 -15.01 -12.05 13.00
N LEU A 45 -13.97 -12.13 13.83
CA LEU A 45 -13.96 -12.90 15.07
C LEU A 45 -14.90 -12.42 16.16
N ASN A 46 -14.88 -11.13 16.45
CA ASN A 46 -15.71 -10.51 17.47
C ASN A 46 -17.14 -10.28 16.98
N ASP A 47 -17.46 -10.71 15.79
CA ASP A 47 -18.78 -10.55 15.16
C ASP A 47 -19.22 -9.08 14.98
N ASP A 48 -18.26 -8.21 14.72
CA ASP A 48 -18.52 -6.80 14.44
C ASP A 48 -18.84 -6.60 12.97
N ILE A 49 -20.07 -7.00 12.63
CA ILE A 49 -20.50 -7.18 11.25
C ILE A 49 -21.90 -6.54 11.13
N HIS A 50 -22.02 -5.56 10.22
CA HIS A 50 -23.25 -4.73 10.18
C HIS A 50 -23.60 -4.40 8.74
N LYS A 51 -24.89 -4.46 8.45
CA LYS A 51 -25.36 -4.18 7.11
C LYS A 51 -25.07 -2.72 6.73
N LEU A 52 -24.77 -2.50 5.47
CA LEU A 52 -24.38 -1.18 4.96
C LEU A 52 -25.36 -0.81 3.91
N GLU A 53 -25.92 0.40 4.01
CA GLU A 53 -26.83 0.91 3.00
C GLU A 53 -26.10 1.91 2.10
N LEU A 54 -26.79 2.41 1.07
CA LEU A 54 -26.16 3.35 0.13
C LEU A 54 -25.49 4.52 0.85
N GLY A 55 -26.16 5.03 1.86
CA GLY A 55 -25.74 6.20 2.59
C GLY A 55 -24.59 6.01 3.53
N SER A 56 -24.31 4.76 3.88
CA SER A 56 -23.20 4.42 4.73
C SER A 56 -21.85 4.73 4.08
N VAL A 57 -21.82 4.82 2.76
CA VAL A 57 -20.63 5.21 2.02
C VAL A 57 -20.76 6.60 1.36
N GLY A 58 -21.70 7.41 1.82
CA GLY A 58 -21.76 8.83 1.42
C GLY A 58 -20.56 9.57 2.02
N ASP A 59 -20.05 10.54 1.29
CA ASP A 59 -18.99 11.40 1.84
C ASP A 59 -17.74 10.59 2.22
N THR A 60 -17.43 9.55 1.45
CA THR A 60 -16.26 8.71 1.72
C THR A 60 -15.17 8.70 0.62
N ILE A 61 -15.53 8.87 -0.66
CA ILE A 61 -14.60 8.70 -1.82
C ILE A 61 -13.34 9.60 -1.68
N GLN A 62 -13.49 10.78 -1.10
CA GLN A 62 -12.34 11.70 -0.91
C GLN A 62 -11.54 11.53 0.39
N ARG A 63 -12.02 10.70 1.30
N ARG A 63 -11.99 10.67 1.27
CA ARG A 63 -11.44 10.60 2.66
CA ARG A 63 -11.44 10.60 2.63
C ARG A 63 -10.38 9.55 2.72
C ARG A 63 -10.39 9.53 2.74
N GLY A 64 -9.34 9.87 3.47
CA GLY A 64 -8.23 8.98 3.72
C GLY A 64 -8.66 7.93 4.73
N GLY A 65 -7.80 6.94 4.99
CA GLY A 65 -8.07 5.91 5.99
C GLY A 65 -9.09 4.87 5.56
N THR A 66 -9.65 4.18 6.54
CA THR A 66 -10.72 3.20 6.28
C THR A 66 -11.76 3.43 7.33
N PHE A 67 -12.98 3.72 6.92
CA PHE A 67 -14.07 3.91 7.90
C PHE A 67 -14.53 2.58 8.51
N LEU A 68 -14.09 1.48 7.90
CA LEU A 68 -14.32 0.17 8.44
C LEU A 68 -13.29 -0.18 9.53
N TYR A 69 -12.20 0.59 9.63
CA TYR A 69 -11.13 0.34 10.57
C TYR A 69 -10.34 -0.92 10.19
N SER A 70 -9.15 -1.05 10.73
CA SER A 70 -8.33 -2.21 10.56
C SER A 70 -7.59 -2.43 11.87
N ALA A 71 -7.45 -3.71 12.26
CA ALA A 71 -6.72 -4.16 13.43
C ALA A 71 -6.15 -5.54 13.12
N ARG A 72 -4.98 -5.80 13.69
CA ARG A 72 -4.27 -7.04 13.49
C ARG A 72 -5.00 -8.10 14.26
N CYS A 73 -4.95 -9.30 13.71
CA CYS A 73 -5.56 -10.45 14.28
C CYS A 73 -4.62 -11.64 13.99
N PRO A 74 -3.46 -11.69 14.67
CA PRO A 74 -2.50 -12.80 14.43
C PRO A 74 -3.12 -14.20 14.65
N GLU A 75 -4.03 -14.34 15.60
CA GLU A 75 -4.77 -15.60 15.84
C GLU A 75 -5.51 -16.17 14.60
N PHE A 76 -5.72 -15.37 13.54
CA PHE A 76 -6.36 -15.82 12.31
C PHE A 76 -5.51 -16.85 11.55
N LYS A 77 -4.24 -16.95 11.95
CA LYS A 77 -3.38 -18.04 11.50
C LYS A 77 -3.76 -19.43 11.99
N GLU A 78 -4.57 -19.50 13.05
CA GLU A 78 -5.10 -20.74 13.63
C GLU A 78 -6.44 -21.15 12.98
N GLN A 79 -6.43 -22.30 12.34
CA GLN A 79 -7.64 -22.85 11.71
C GLN A 79 -8.86 -22.94 12.63
N GLU A 80 -8.65 -23.23 13.88
CA GLU A 80 -9.75 -23.27 14.79
C GLU A 80 -10.39 -21.92 15.12
N VAL A 81 -9.57 -20.89 15.08
CA VAL A 81 -9.99 -19.49 15.23
C VAL A 81 -10.82 -19.07 14.01
N ARG A 82 -10.36 -19.46 12.84
CA ARG A 82 -11.06 -19.20 11.59
C ARG A 82 -12.45 -19.80 11.57
N LYS A 83 -12.61 -20.98 12.16
CA LYS A 83 -13.91 -21.62 12.24
C LYS A 83 -14.96 -20.59 12.89
N VAL A 84 -14.63 -19.89 13.91
CA VAL A 84 -15.49 -18.87 14.54
C VAL A 84 -15.83 -17.76 13.56
N ALA A 85 -14.82 -17.21 12.88
CA ALA A 85 -15.06 -16.18 11.87
C ALA A 85 -15.95 -16.71 10.75
N ILE A 86 -15.62 -17.89 10.27
CA ILE A 86 -16.43 -18.51 9.20
C ILE A 86 -17.90 -18.65 9.59
N GLU A 87 -18.14 -19.21 10.79
CA GLU A 87 -19.49 -19.27 11.35
C GLU A 87 -20.17 -17.89 11.43
N ASN A 88 -19.43 -16.87 11.87
CA ASN A 88 -20.01 -15.52 11.95
C ASN A 88 -20.53 -14.95 10.62
N LEU A 89 -19.90 -15.35 9.53
CA LEU A 89 -20.38 -15.01 8.19
C LEU A 89 -21.56 -15.92 7.71
N ARG A 90 -21.39 -17.24 7.90
CA ARG A 90 -22.48 -18.20 7.59
C ARG A 90 -23.80 -17.99 8.38
N LYS A 91 -23.74 -17.59 9.64
CA LYS A 91 -24.90 -17.12 10.45
C LYS A 91 -25.83 -16.20 9.70
N ARG A 92 -25.24 -15.26 8.95
CA ARG A 92 -25.94 -14.21 8.21
C ARG A 92 -26.21 -14.57 6.77
N GLY A 93 -25.80 -15.74 6.34
CA GLY A 93 -26.02 -16.15 4.95
C GLY A 93 -25.10 -15.51 3.92
N ILE A 94 -23.95 -15.00 4.38
CA ILE A 94 -22.96 -14.35 3.49
C ILE A 94 -22.26 -15.37 2.60
N GLU A 95 -22.32 -15.12 1.29
CA GLU A 95 -21.78 -15.99 0.28
C GLU A 95 -20.48 -15.56 -0.38
N GLY A 96 -20.13 -14.27 -0.23
CA GLY A 96 -18.87 -13.71 -0.74
C GLY A 96 -18.27 -12.69 0.22
N LEU A 97 -16.95 -12.59 0.17
CA LEU A 97 -16.18 -11.71 1.02
C LEU A 97 -15.12 -10.98 0.19
N VAL A 98 -15.14 -9.66 0.25
CA VAL A 98 -14.10 -8.83 -0.35
C VAL A 98 -13.18 -8.38 0.74
N VAL A 99 -11.89 -8.68 0.54
CA VAL A 99 -10.88 -8.30 1.49
C VAL A 99 -10.01 -7.24 0.83
N ILE A 100 -9.95 -6.08 1.47
CA ILE A 100 -9.06 -4.99 1.00
C ILE A 100 -7.84 -4.93 1.95
N GLY A 101 -6.67 -5.19 1.42
CA GLY A 101 -5.45 -5.10 2.15
C GLY A 101 -4.26 -5.66 1.41
N GLY A 102 -3.32 -6.19 2.17
CA GLY A 102 -2.07 -6.75 1.60
C GLY A 102 -1.90 -8.27 1.59
N ASP A 103 -0.65 -8.68 1.39
CA ASP A 103 -0.23 -10.08 1.44
C ASP A 103 -0.79 -10.91 2.59
N GLY A 104 -0.58 -10.45 3.84
CA GLY A 104 -1.19 -11.09 5.02
C GLY A 104 -2.70 -11.24 4.90
N SER A 105 -3.40 -10.15 4.54
CA SER A 105 -4.87 -10.16 4.37
C SER A 105 -5.38 -11.16 3.32
N TYR A 106 -4.61 -11.27 2.23
CA TYR A 106 -4.86 -12.22 1.16
C TYR A 106 -4.82 -13.68 1.66
N ARG A 107 -3.85 -13.97 2.53
CA ARG A 107 -3.64 -15.32 3.10
C ARG A 107 -4.84 -15.65 3.95
N GLY A 108 -5.30 -14.68 4.76
CA GLY A 108 -6.61 -14.80 5.41
C GLY A 108 -7.72 -15.20 4.45
N ALA A 109 -7.73 -14.57 3.28
CA ALA A 109 -8.88 -14.74 2.39
C ALA A 109 -8.76 -16.11 1.71
N GLN A 110 -7.54 -16.49 1.37
CA GLN A 110 -7.31 -17.82 0.85
C GLN A 110 -7.81 -18.92 1.78
N ARG A 111 -7.43 -18.82 3.05
CA ARG A 111 -7.88 -19.76 4.09
C ARG A 111 -9.41 -19.82 4.18
N ILE A 112 -10.08 -18.66 4.21
CA ILE A 112 -11.57 -18.63 4.20
C ILE A 112 -12.23 -19.41 3.03
N SER A 113 -11.69 -19.20 1.84
CA SER A 113 -12.15 -19.93 0.67
C SER A 113 -11.83 -21.44 0.71
N GLU A 114 -10.67 -21.80 1.19
CA GLU A 114 -10.28 -23.21 1.39
C GLU A 114 -11.17 -23.90 2.39
N GLU A 115 -11.52 -23.20 3.46
CA GLU A 115 -12.18 -23.77 4.62
C GLU A 115 -13.65 -23.53 4.76
N CYS A 116 -14.29 -22.93 3.76
CA CYS A 116 -15.75 -22.83 3.77
C CYS A 116 -16.28 -22.89 2.37
N LYS A 117 -16.98 -23.98 2.05
CA LYS A 117 -17.40 -24.21 0.71
C LYS A 117 -18.34 -23.13 0.19
N GLU A 118 -19.19 -22.59 1.06
CA GLU A 118 -20.24 -21.68 0.69
C GLU A 118 -19.79 -20.20 0.59
N ILE A 119 -18.51 -19.90 0.84
CA ILE A 119 -18.00 -18.50 0.76
C ILE A 119 -16.93 -18.38 -0.30
N GLN A 120 -17.17 -17.51 -1.26
CA GLN A 120 -16.13 -17.08 -2.17
C GLN A 120 -15.41 -15.81 -1.59
N THR A 121 -14.12 -15.67 -1.88
CA THR A 121 -13.29 -14.54 -1.40
C THR A 121 -12.54 -13.91 -2.57
N ILE A 122 -12.44 -12.58 -2.57
CA ILE A 122 -11.70 -11.79 -3.59
C ILE A 122 -10.94 -10.74 -2.85
N GLY A 123 -9.66 -10.60 -3.21
CA GLY A 123 -8.75 -9.68 -2.55
C GLY A 123 -8.56 -8.47 -3.42
N ILE A 124 -8.46 -7.29 -2.78
CA ILE A 124 -8.20 -6.01 -3.41
C ILE A 124 -6.93 -5.44 -2.75
N PRO A 125 -5.95 -5.04 -3.56
CA PRO A 125 -4.64 -4.67 -3.06
C PRO A 125 -4.61 -3.25 -2.55
N GLY A 126 -4.61 -3.12 -1.23
CA GLY A 126 -4.56 -1.85 -0.57
C GLY A 126 -3.35 -1.76 0.30
N THR A 127 -2.39 -0.94 -0.12
CA THR A 127 -1.19 -0.60 0.68
C THR A 127 -0.51 0.54 -0.05
N ILE A 128 0.14 1.43 0.70
CA ILE A 128 0.99 2.41 0.11
C ILE A 128 2.32 1.83 -0.44
N ASP A 129 2.73 0.65 0.01
CA ASP A 129 4.09 0.11 -0.25
C ASP A 129 4.32 -0.43 -1.65
N ASN A 130 3.22 -0.69 -2.35
CA ASN A 130 3.24 -1.20 -3.70
C ASN A 130 3.74 -2.62 -3.78
N ASP A 131 3.72 -3.36 -2.68
CA ASP A 131 4.48 -4.62 -2.51
C ASP A 131 3.58 -5.85 -2.67
N ILE A 132 2.52 -5.74 -3.44
CA ILE A 132 1.53 -6.82 -3.57
C ILE A 132 1.55 -7.32 -5.01
N ASN A 133 1.72 -8.63 -5.18
CA ASN A 133 1.64 -9.19 -6.50
C ASN A 133 0.23 -9.19 -7.07
N GLY A 134 0.17 -9.41 -8.37
CA GLY A 134 -1.08 -9.35 -9.11
C GLY A 134 -1.47 -7.96 -9.63
N THR A 135 -0.62 -6.94 -9.36
CA THR A 135 -0.92 -5.55 -9.78
C THR A 135 0.36 -4.76 -9.97
N ASP A 136 0.41 -3.96 -11.00
CA ASP A 136 1.54 -3.02 -11.17
C ASP A 136 1.56 -1.98 -10.01
N PHE A 137 0.36 -1.57 -9.58
CA PHE A 137 0.18 -0.53 -8.55
C PHE A 137 -0.90 -0.92 -7.56
N THR A 138 -0.65 -0.71 -6.29
CA THR A 138 -1.57 -0.93 -5.20
C THR A 138 -2.31 0.36 -4.88
N ILE A 139 -3.46 0.21 -4.25
CA ILE A 139 -4.28 1.32 -3.86
C ILE A 139 -3.57 1.95 -2.62
N GLY A 140 -3.17 3.22 -2.83
CA GLY A 140 -2.42 4.02 -1.84
C GLY A 140 -1.09 4.55 -2.36
N PHE A 141 -0.51 3.82 -3.34
CA PHE A 141 0.86 4.07 -3.76
C PHE A 141 0.98 5.47 -4.35
N ASP A 142 0.14 5.77 -5.32
CA ASP A 142 0.15 7.09 -5.95
C ASP A 142 0.01 8.23 -4.95
N THR A 143 -0.95 8.09 -4.00
CA THR A 143 -1.12 9.08 -2.95
C THR A 143 0.14 9.26 -2.06
N ALA A 144 0.68 8.13 -1.54
CA ALA A 144 1.90 8.14 -0.76
C ALA A 144 3.09 8.72 -1.51
N LEU A 145 3.24 8.34 -2.78
CA LEU A 145 4.25 8.92 -3.63
C LEU A 145 4.18 10.46 -3.59
N ASN A 146 2.99 10.99 -3.91
CA ASN A 146 2.79 12.39 -3.89
C ASN A 146 3.00 13.02 -2.52
N THR A 147 2.66 12.28 -1.47
CA THR A 147 2.85 12.84 -0.15
C THR A 147 4.36 13.04 0.07
N ILE A 148 5.13 12.00 -0.27
CA ILE A 148 6.58 12.08 -0.11
C ILE A 148 7.17 13.24 -0.89
N ILE A 149 6.76 13.37 -2.15
CA ILE A 149 7.15 14.47 -3.00
C ILE A 149 6.92 15.84 -2.39
N GLY A 150 5.69 16.09 -1.95
CA GLY A 150 5.34 17.37 -1.32
C GLY A 150 6.25 17.64 -0.09
N LEU A 151 6.53 16.62 0.69
CA LEU A 151 7.38 16.81 1.89
C LEU A 151 8.81 17.15 1.53
N VAL A 152 9.38 16.34 0.64
CA VAL A 152 10.75 16.57 0.18
C VAL A 152 10.93 17.85 -0.58
N ASP A 153 9.93 18.22 -1.40
CA ASP A 153 9.95 19.52 -2.07
C ASP A 153 10.10 20.66 -1.02
N LYS A 154 9.44 20.54 0.11
CA LYS A 154 9.61 21.51 1.20
C LYS A 154 10.98 21.40 1.92
N ILE A 155 11.42 20.19 2.15
CA ILE A 155 12.78 20.00 2.66
C ILE A 155 13.83 20.62 1.73
N ARG A 156 13.63 20.53 0.42
CA ARG A 156 14.61 21.12 -0.50
C ARG A 156 14.77 22.63 -0.35
N ASP A 157 13.67 23.34 0.00
CA ASP A 157 13.71 24.75 0.27
C ASP A 157 14.74 25.06 1.40
N THR A 158 14.68 24.31 2.47
CA THR A 158 15.53 24.57 3.62
C THR A 158 16.96 24.05 3.38
N ALA A 159 17.08 22.94 2.68
CA ALA A 159 18.37 22.40 2.25
C ALA A 159 19.13 23.40 1.39
N SER A 160 18.43 24.09 0.47
CA SER A 160 19.03 25.07 -0.42
C SER A 160 19.49 26.32 0.32
N SER A 161 18.64 26.85 1.18
CA SER A 161 18.98 27.99 2.02
C SER A 161 20.35 27.81 2.74
N HIS A 162 20.56 26.64 3.32
CA HIS A 162 21.67 26.39 4.25
C HIS A 162 22.75 25.52 3.65
N ALA A 163 22.66 25.18 2.35
CA ALA A 163 23.54 24.17 1.75
C ALA A 163 23.68 22.93 2.62
N ARG A 164 22.54 22.34 2.95
CA ARG A 164 22.47 21.27 3.92
C ARG A 164 21.96 20.02 3.25
N THR A 165 22.76 18.96 3.35
CA THR A 165 22.41 17.67 2.84
C THR A 165 21.35 17.01 3.75
N PHE A 166 20.31 16.43 3.16
CA PHE A 166 19.32 15.71 3.97
C PHE A 166 19.29 14.26 3.56
N ILE A 167 19.23 13.43 4.60
CA ILE A 167 19.08 12.00 4.50
C ILE A 167 17.66 11.63 4.97
N ILE A 168 16.81 11.28 3.98
CA ILE A 168 15.41 11.15 4.21
C ILE A 168 14.90 9.73 4.15
N GLU A 169 14.17 9.31 5.17
CA GLU A 169 13.69 7.94 5.23
C GLU A 169 12.25 7.87 4.76
N ALA A 170 12.02 7.03 3.76
CA ALA A 170 10.72 6.77 3.23
C ALA A 170 10.17 5.48 3.71
N MET A 171 8.85 5.33 3.67
CA MET A 171 8.27 4.05 3.96
C MET A 171 8.41 3.12 2.73
N GLY A 172 7.77 1.96 2.80
CA GLY A 172 7.88 0.92 1.80
C GLY A 172 7.98 -0.51 2.28
N ARG A 173 8.08 -0.71 3.59
CA ARG A 173 8.43 -2.00 4.16
C ARG A 173 9.65 -2.53 3.33
N ASP A 174 9.53 -3.68 2.67
CA ASP A 174 10.67 -4.25 1.91
C ASP A 174 10.74 -3.93 0.46
N CYS A 175 9.94 -2.95 0.05
CA CYS A 175 9.85 -2.50 -1.31
C CYS A 175 10.45 -1.09 -1.46
N GLY A 176 11.27 -0.94 -2.47
CA GLY A 176 11.88 0.31 -2.79
C GLY A 176 11.11 1.22 -3.71
N ASP A 177 9.88 0.89 -4.10
CA ASP A 177 9.19 1.65 -5.12
C ASP A 177 8.95 3.06 -4.71
N LEU A 178 8.56 3.26 -3.45
CA LEU A 178 8.25 4.61 -2.98
C LEU A 178 9.48 5.47 -3.07
N ALA A 179 10.58 4.92 -2.51
CA ALA A 179 11.88 5.61 -2.53
C ALA A 179 12.33 5.93 -3.96
N LEU A 180 12.10 5.01 -4.89
CA LEU A 180 12.58 5.17 -6.26
C LEU A 180 11.78 6.24 -7.04
N TRP A 181 10.45 6.07 -7.03
CA TRP A 181 9.54 6.98 -7.75
C TRP A 181 9.63 8.38 -7.18
N ALA A 182 9.71 8.44 -5.86
CA ALA A 182 9.82 9.76 -5.22
C ALA A 182 11.18 10.35 -5.45
N GLY A 183 12.22 9.54 -5.35
CA GLY A 183 13.65 10.06 -5.55
C GLY A 183 13.82 10.68 -6.95
N LEU A 184 13.31 9.96 -7.91
CA LEU A 184 13.26 10.48 -9.29
C LEU A 184 12.53 11.82 -9.37
N SER A 185 11.37 11.85 -8.77
CA SER A 185 10.48 13.03 -8.87
C SER A 185 11.04 14.25 -8.16
N VAL A 186 11.96 14.07 -7.21
CA VAL A 186 12.59 15.21 -6.55
C VAL A 186 14.04 15.45 -6.94
N GLY A 187 14.50 14.74 -7.94
CA GLY A 187 15.91 14.87 -8.37
C GLY A 187 16.93 14.42 -7.32
N ALA A 188 16.59 13.43 -6.51
CA ALA A 188 17.46 13.02 -5.41
C ALA A 188 18.76 12.53 -6.02
N GLU A 189 19.89 12.88 -5.38
CA GLU A 189 21.19 12.58 -5.93
C GLU A 189 21.59 11.15 -5.62
N THR A 190 21.00 10.56 -4.60
CA THR A 190 21.17 9.20 -4.23
C THR A 190 19.83 8.67 -3.81
N ILE A 191 19.56 7.45 -4.25
CA ILE A 191 18.42 6.67 -3.86
C ILE A 191 18.93 5.31 -3.31
N VAL A 192 18.59 5.01 -2.07
CA VAL A 192 19.04 3.80 -1.42
C VAL A 192 17.84 2.90 -1.27
N VAL A 193 17.91 1.73 -1.91
CA VAL A 193 16.82 0.75 -1.90
C VAL A 193 17.25 -0.70 -1.65
N PRO A 194 16.37 -1.52 -1.08
CA PRO A 194 16.81 -2.87 -0.75
C PRO A 194 17.08 -3.73 -1.97
N GLU A 195 16.56 -3.38 -3.14
CA GLU A 195 16.68 -4.24 -4.31
C GLU A 195 18.03 -4.16 -5.06
N VAL A 196 18.86 -3.20 -4.65
CA VAL A 196 20.10 -2.83 -5.33
C VAL A 196 21.13 -2.92 -4.23
N LYS A 197 22.33 -3.46 -4.54
CA LYS A 197 23.41 -3.59 -3.57
C LYS A 197 23.76 -2.21 -3.11
N THR A 198 23.97 -2.06 -1.82
CA THR A 198 24.05 -0.73 -1.29
C THR A 198 25.51 -0.45 -0.98
N ASP A 199 26.04 0.58 -1.62
CA ASP A 199 27.45 0.87 -1.57
C ASP A 199 27.64 2.19 -0.87
N ILE A 200 27.83 2.13 0.45
CA ILE A 200 27.96 3.35 1.23
C ILE A 200 29.21 4.12 0.81
N LYS A 201 30.34 3.42 0.61
CA LYS A 201 31.60 4.08 0.12
C LYS A 201 31.41 4.76 -1.22
N GLU A 202 30.67 4.11 -2.11
CA GLU A 202 30.37 4.69 -3.42
C GLU A 202 29.48 5.92 -3.32
N ILE A 203 28.52 5.94 -2.39
CA ILE A 203 27.60 7.10 -2.24
C ILE A 203 28.36 8.29 -1.74
N ALA A 204 29.20 8.02 -0.74
CA ALA A 204 30.17 8.99 -0.20
C ALA A 204 30.98 9.66 -1.31
N ASP A 205 31.69 8.84 -2.10
CA ASP A 205 32.56 9.29 -3.22
C ASP A 205 31.82 10.09 -4.27
N LYS A 206 30.59 9.68 -4.57
CA LYS A 206 29.69 10.40 -5.46
C LYS A 206 29.34 11.80 -4.96
N ILE A 207 29.10 11.94 -3.65
CA ILE A 207 28.76 13.26 -3.05
C ILE A 207 29.97 14.22 -3.08
N GLU A 208 31.09 13.68 -2.67
CA GLU A 208 32.40 14.35 -2.71
C GLU A 208 32.82 14.78 -4.12
N GLN A 209 32.61 13.89 -5.09
CA GLN A 209 32.76 14.22 -6.51
C GLN A 209 31.72 15.26 -6.97
N GLY A 210 30.86 15.68 -6.06
CA GLY A 210 29.84 16.68 -6.35
C GLY A 210 30.23 18.03 -5.76
N ILE A 211 30.85 18.00 -4.58
CA ILE A 211 31.30 19.22 -3.93
C ILE A 211 32.40 19.89 -4.74
N LYS A 212 33.35 19.09 -5.21
CA LYS A 212 34.45 19.60 -6.03
C LYS A 212 33.88 20.32 -7.25
N ARG A 213 32.82 19.78 -7.83
CA ARG A 213 32.19 20.37 -9.01
C ARG A 213 31.24 21.54 -8.69
N GLY A 214 31.13 21.88 -7.42
CA GLY A 214 30.25 22.97 -6.97
C GLY A 214 28.84 22.70 -6.51
N LYS A 215 28.45 21.44 -6.38
CA LYS A 215 27.15 21.18 -5.75
C LYS A 215 27.37 21.09 -4.26
N LYS A 216 26.65 21.93 -3.53
CA LYS A 216 26.92 22.19 -2.12
C LYS A 216 26.13 21.31 -1.13
N HIS A 217 25.14 20.59 -1.64
CA HIS A 217 24.36 19.69 -0.82
C HIS A 217 23.56 18.74 -1.69
N SER A 218 23.05 17.69 -1.07
CA SER A 218 22.21 16.76 -1.78
C SER A 218 21.06 16.21 -0.92
N ILE A 219 20.22 15.43 -1.60
CA ILE A 219 19.14 14.70 -1.00
C ILE A 219 19.44 13.23 -1.20
N VAL A 220 19.45 12.49 -0.11
CA VAL A 220 19.54 11.06 -0.08
C VAL A 220 18.23 10.50 0.39
N LEU A 221 17.55 9.82 -0.51
CA LEU A 221 16.27 9.19 -0.21
C LEU A 221 16.46 7.70 0.08
N VAL A 222 16.10 7.29 1.27
CA VAL A 222 16.44 6.00 1.80
C VAL A 222 15.15 5.25 2.05
N ALA A 223 14.95 4.15 1.33
CA ALA A 223 13.88 3.23 1.67
C ALA A 223 14.18 2.51 2.96
N GLU A 224 13.19 2.51 3.90
CA GLU A 224 13.34 1.93 5.24
C GLU A 224 13.65 0.43 5.16
N GLY A 225 13.22 -0.21 4.06
CA GLY A 225 13.55 -1.61 3.75
C GLY A 225 15.06 -1.93 3.65
N CYS A 226 15.86 -0.90 3.34
CA CYS A 226 17.30 -1.07 3.19
C CYS A 226 17.95 -0.84 4.57
N MET A 227 17.73 0.32 5.16
CA MET A 227 18.31 0.71 6.45
C MET A 227 17.57 1.96 6.93
N THR A 228 17.75 2.32 8.19
CA THR A 228 17.20 3.57 8.72
C THR A 228 18.03 4.74 8.22
N ALA A 229 17.43 5.94 8.15
CA ALA A 229 18.16 7.12 7.73
C ALA A 229 19.34 7.42 8.66
N GLN A 230 19.14 7.17 9.98
CA GLN A 230 20.13 7.43 11.00
C GLN A 230 21.35 6.49 10.83
N ASP A 231 21.09 5.22 10.52
CA ASP A 231 22.16 4.28 10.12
C ASP A 231 22.85 4.74 8.85
N CYS A 232 22.10 5.20 7.84
CA CYS A 232 22.74 5.73 6.64
C CYS A 232 23.68 6.91 6.97
N GLN A 233 23.20 7.81 7.83
CA GLN A 233 23.96 8.97 8.21
C GLN A 233 25.26 8.49 8.97
N LYS A 234 25.11 7.51 9.84
CA LYS A 234 26.22 6.92 10.66
C LYS A 234 27.31 6.36 9.71
N GLU A 235 26.93 5.40 8.87
CA GLU A 235 27.82 4.79 7.90
C GLU A 235 28.47 5.73 6.90
N LEU A 236 27.73 6.75 6.46
CA LEU A 236 28.31 7.76 5.58
C LEU A 236 29.42 8.53 6.25
N SER A 237 29.22 8.91 7.50
CA SER A 237 30.19 9.72 8.23
C SER A 237 31.59 9.04 8.37
N GLN A 238 31.65 7.70 8.27
CA GLN A 238 32.92 6.96 8.17
C GLN A 238 33.77 7.50 7.01
N TYR A 239 33.17 7.63 5.85
CA TYR A 239 33.88 8.07 4.64
C TYR A 239 33.91 9.59 4.43
N ILE A 240 32.99 10.34 5.04
CA ILE A 240 32.81 11.78 4.72
C ILE A 240 32.14 12.58 5.87
N ASN A 241 32.47 13.86 5.99
CA ASN A 241 31.93 14.74 7.02
C ASN A 241 31.22 15.88 6.27
N VAL A 242 29.94 15.70 5.95
CA VAL A 242 29.10 16.76 5.37
C VAL A 242 28.08 17.25 6.40
N ASP A 243 27.68 18.50 6.24
CA ASP A 243 26.72 19.11 7.12
C ASP A 243 25.34 18.60 6.70
N ASN A 244 24.74 17.82 7.58
CA ASN A 244 23.55 17.09 7.22
C ASN A 244 22.53 16.87 8.33
N ARG A 245 21.28 16.58 7.93
CA ARG A 245 20.22 16.24 8.88
C ARG A 245 19.48 15.02 8.40
N VAL A 246 18.92 14.29 9.35
CA VAL A 246 18.10 13.13 9.08
C VAL A 246 16.60 13.54 9.20
N SER A 247 15.76 13.13 8.26
CA SER A 247 14.29 13.25 8.40
C SER A 247 13.69 11.88 8.25
N VAL A 248 12.77 11.52 9.11
CA VAL A 248 12.01 10.33 8.93
C VAL A 248 10.56 10.77 8.65
N LEU A 249 10.06 10.52 7.42
CA LEU A 249 8.76 11.09 7.00
C LEU A 249 7.59 10.46 7.81
N GLY A 250 7.68 9.17 8.06
CA GLY A 250 6.78 8.48 8.99
C GLY A 250 5.38 8.35 8.49
N HIS A 251 4.47 8.25 9.45
CA HIS A 251 3.06 7.92 9.15
C HIS A 251 2.21 8.90 8.36
N VAL A 252 2.74 10.09 8.17
CA VAL A 252 2.19 11.06 7.30
C VAL A 252 1.99 10.38 5.91
N GLN A 253 2.92 9.49 5.56
CA GLN A 253 2.82 8.75 4.29
C GLN A 253 1.58 7.90 4.10
N ARG A 254 0.92 7.52 5.18
CA ARG A 254 -0.26 6.68 5.14
C ARG A 254 -1.56 7.46 5.04
N GLY A 255 -1.49 8.78 5.25
CA GLY A 255 -2.72 9.57 5.27
C GLY A 255 -2.99 10.44 4.09
N GLY A 256 -4.10 11.17 4.20
CA GLY A 256 -4.44 12.16 3.27
C GLY A 256 -5.53 11.64 2.38
N SER A 257 -6.14 12.60 1.71
CA SER A 257 -7.09 12.34 0.70
C SER A 257 -6.41 11.66 -0.55
N PRO A 258 -7.05 10.60 -1.09
CA PRO A 258 -6.37 9.93 -2.18
C PRO A 258 -6.37 10.77 -3.42
N THR A 259 -5.30 10.57 -4.17
CA THR A 259 -5.23 11.15 -5.50
C THR A 259 -6.24 10.58 -6.53
N GLY A 260 -6.33 11.25 -7.65
CA GLY A 260 -7.16 10.79 -8.73
C GLY A 260 -6.80 9.35 -9.12
N ALA A 261 -5.50 9.05 -9.26
CA ALA A 261 -5.11 7.69 -9.60
C ALA A 261 -5.64 6.70 -8.57
N ASP A 262 -5.55 7.00 -7.28
CA ASP A 262 -6.03 6.07 -6.30
C ASP A 262 -7.55 5.95 -6.31
N ARG A 263 -8.25 7.06 -6.42
CA ARG A 263 -9.73 6.99 -6.44
C ARG A 263 -10.22 6.18 -7.63
N VAL A 264 -9.64 6.37 -8.80
CA VAL A 264 -10.06 5.63 -10.00
C VAL A 264 -9.69 4.13 -9.89
N LEU A 265 -8.45 3.86 -9.46
CA LEU A 265 -8.03 2.49 -9.29
C LEU A 265 -8.89 1.78 -8.29
N ALA A 266 -9.08 2.36 -7.10
CA ALA A 266 -9.91 1.77 -6.07
C ALA A 266 -11.32 1.44 -6.53
N SER A 267 -11.90 2.32 -7.33
CA SER A 267 -13.29 2.24 -7.78
C SER A 267 -13.44 1.11 -8.76
N ARG A 268 -12.41 0.97 -9.61
CA ARG A 268 -12.39 -0.04 -10.61
C ARG A 268 -12.23 -1.39 -10.00
N LEU A 269 -11.30 -1.48 -9.05
CA LEU A 269 -11.05 -2.76 -8.41
C LEU A 269 -12.19 -3.16 -7.49
N GLY A 270 -12.79 -2.20 -6.83
CA GLY A 270 -13.94 -2.45 -5.93
C GLY A 270 -15.11 -3.01 -6.72
N GLY A 271 -15.45 -2.33 -7.82
CA GLY A 271 -16.47 -2.83 -8.78
C GLY A 271 -16.16 -4.24 -9.36
N TYR A 272 -14.91 -4.45 -9.78
CA TYR A 272 -14.51 -5.70 -10.38
C TYR A 272 -14.65 -6.83 -9.38
N ALA A 273 -14.22 -6.62 -8.10
CA ALA A 273 -14.37 -7.65 -7.05
C ALA A 273 -15.78 -8.17 -6.93
N VAL A 274 -16.76 -7.28 -7.03
CA VAL A 274 -18.15 -7.70 -6.92
C VAL A 274 -18.55 -8.52 -8.15
N ASP A 275 -18.19 -8.01 -9.33
CA ASP A 275 -18.43 -8.71 -10.57
C ASP A 275 -17.83 -10.11 -10.52
N LEU A 276 -16.66 -10.26 -9.92
CA LEU A 276 -15.99 -11.58 -9.91
C LEU A 276 -16.75 -12.57 -9.02
N LEU A 277 -17.18 -12.11 -7.84
CA LEU A 277 -18.06 -12.87 -6.98
C LEU A 277 -19.37 -13.33 -7.67
N MET A 278 -20.04 -12.40 -8.34
CA MET A 278 -21.20 -12.69 -9.20
C MET A 278 -20.91 -13.73 -10.28
N GLN A 279 -19.71 -13.76 -10.81
CA GLN A 279 -19.34 -14.76 -11.78
C GLN A 279 -18.85 -16.09 -11.19
N GLY A 280 -18.82 -16.25 -9.87
CA GLY A 280 -18.51 -17.55 -9.28
C GLY A 280 -17.01 -17.68 -9.00
N GLU A 281 -16.25 -16.60 -9.10
CA GLU A 281 -14.83 -16.70 -8.85
C GLU A 281 -14.52 -16.63 -7.37
N THR A 282 -13.35 -17.18 -7.00
CA THR A 282 -12.84 -17.19 -5.70
C THR A 282 -11.31 -17.29 -5.67
N ALA A 283 -10.77 -16.89 -4.55
CA ALA A 283 -9.38 -17.04 -4.25
C ALA A 283 -8.52 -16.37 -5.33
N LYS A 284 -8.91 -15.13 -5.67
CA LYS A 284 -8.12 -14.27 -6.52
C LYS A 284 -7.93 -12.88 -5.97
N GLY A 285 -6.79 -12.31 -6.28
CA GLY A 285 -6.46 -10.90 -6.00
C GLY A 285 -6.59 -10.12 -7.30
N VAL A 286 -7.32 -9.02 -7.26
CA VAL A 286 -7.47 -8.17 -8.46
C VAL A 286 -6.30 -7.17 -8.60
N GLY A 287 -6.18 -6.55 -9.77
CA GLY A 287 -5.11 -5.59 -9.97
C GLY A 287 -5.22 -4.94 -11.30
N ILE A 288 -4.27 -4.06 -11.60
CA ILE A 288 -4.13 -3.47 -12.95
C ILE A 288 -2.79 -3.97 -13.37
N LYS A 289 -2.73 -4.49 -14.56
CA LYS A 289 -1.44 -4.94 -15.09
C LYS A 289 -1.29 -4.55 -16.54
N ASN A 290 -0.26 -3.80 -16.87
CA ASN A 290 -0.11 -3.23 -18.21
C ASN A 290 -1.40 -2.56 -18.64
N ASN A 291 -1.93 -1.80 -17.69
CA ASN A 291 -3.11 -1.00 -17.91
C ASN A 291 -4.38 -1.79 -18.25
N LYS A 292 -4.47 -3.05 -17.84
CA LYS A 292 -5.74 -3.78 -17.96
C LYS A 292 -6.16 -4.25 -16.59
N ILE A 293 -7.45 -4.23 -16.30
CA ILE A 293 -7.96 -4.73 -15.02
C ILE A 293 -7.92 -6.25 -15.15
N VAL A 294 -7.22 -6.93 -14.23
CA VAL A 294 -7.07 -8.38 -14.23
C VAL A 294 -7.34 -9.00 -12.83
N ALA A 295 -7.43 -10.33 -12.79
CA ALA A 295 -7.55 -11.07 -11.53
C ALA A 295 -6.60 -12.23 -11.58
N THR A 296 -5.89 -12.47 -10.49
CA THR A 296 -4.88 -13.50 -10.41
C THR A 296 -5.15 -14.36 -9.18
N SER A 297 -4.90 -15.66 -9.30
CA SER A 297 -5.04 -16.58 -8.17
C SER A 297 -4.04 -16.26 -7.04
N PHE A 298 -4.50 -16.45 -5.82
CA PHE A 298 -3.68 -16.20 -4.66
C PHE A 298 -2.41 -17.04 -4.68
N ASP A 299 -2.52 -18.23 -5.25
CA ASP A 299 -1.33 -19.06 -5.54
C ASP A 299 -0.27 -18.36 -6.31
N GLU A 300 -0.64 -17.89 -7.50
CA GLU A 300 0.30 -17.16 -8.35
C GLU A 300 0.83 -15.95 -7.59
N ILE A 301 -0.11 -15.19 -7.02
CA ILE A 301 0.28 -14.03 -6.23
C ILE A 301 1.33 -14.37 -5.13
N PHE A 302 1.15 -15.46 -4.40
CA PHE A 302 2.05 -15.78 -3.31
C PHE A 302 3.38 -16.35 -3.83
N ASP A 303 3.33 -17.08 -4.94
CA ASP A 303 4.55 -17.67 -5.54
C ASP A 303 5.71 -16.68 -5.73
N LYS A 308 8.93 -7.23 -9.90
CA LYS A 308 8.31 -5.90 -9.96
C LYS A 308 9.27 -4.66 -9.86
N PHE A 309 10.43 -4.76 -9.22
CA PHE A 309 11.35 -3.61 -9.12
C PHE A 309 11.87 -3.24 -10.51
N ASP A 310 11.92 -1.96 -10.81
CA ASP A 310 12.22 -1.50 -12.17
C ASP A 310 13.63 -0.98 -12.20
N TYR A 311 14.55 -1.87 -12.56
CA TYR A 311 15.99 -1.54 -12.59
C TYR A 311 16.32 -0.43 -13.59
N SER A 312 15.56 -0.44 -14.68
CA SER A 312 15.61 0.57 -15.70
C SER A 312 15.29 1.95 -15.18
N LEU A 313 14.21 2.04 -14.42
CA LEU A 313 13.84 3.30 -13.76
C LEU A 313 14.93 3.80 -12.81
N TYR A 314 15.43 2.88 -11.96
CA TYR A 314 16.54 3.18 -11.03
C TYR A 314 17.77 3.71 -11.77
N GLU A 315 18.14 3.06 -12.87
CA GLU A 315 19.24 3.57 -13.70
C GLU A 315 18.97 4.97 -14.26
N LEU A 316 17.76 5.22 -14.81
CA LEU A 316 17.36 6.58 -15.24
C LEU A 316 17.53 7.64 -14.17
N ALA A 317 17.03 7.36 -12.98
CA ALA A 317 17.17 8.37 -11.88
C ALA A 317 18.66 8.66 -11.63
N ASN A 318 19.47 7.62 -11.57
CA ASN A 318 20.92 7.80 -11.46
C ASN A 318 21.56 8.61 -12.58
N LYS A 319 21.17 8.38 -13.85
CA LYS A 319 21.72 9.19 -14.99
C LYS A 319 21.27 10.64 -14.91
N LEU A 320 19.99 10.86 -14.60
CA LEU A 320 19.48 12.25 -14.41
C LEU A 320 20.07 13.04 -13.24
N SER A 321 20.72 12.37 -12.29
CA SER A 321 21.12 12.98 -11.00
C SER A 321 22.35 13.91 -11.03
O1 F6P B . 2.56 -1.34 5.18
C1 F6P B . 2.45 0.04 5.34
C2 F6P B . 3.50 0.54 6.31
O2 F6P B . 3.28 1.91 6.52
C3 F6P B . 4.95 0.32 5.87
O3 F6P B . 5.43 1.19 4.85
C4 F6P B . 5.70 0.45 7.19
O4 F6P B . 6.91 -0.29 7.22
C5 F6P B . 4.72 -0.19 8.19
O5 F6P B . 3.38 -0.03 7.60
C6 F6P B . 4.82 0.42 9.58
O6 F6P B . 3.89 -0.25 10.42
P F6P B . 2.99 0.45 11.59
O1P F6P B . 3.92 1.33 12.30
O2P F6P B . 2.44 -0.68 12.35
O3P F6P B . 1.82 1.23 10.84
C1 GOL C . 7.83 23.84 -4.73
O1 GOL C . 9.18 23.51 -4.35
C2 GOL C . 6.84 22.67 -4.74
O2 GOL C . 7.26 21.71 -5.66
C3 GOL C . 5.42 23.14 -5.08
O3 GOL C . 4.68 23.64 -3.98
C1 GOL D . -16.97 -0.21 15.14
O1 GOL D . -16.56 -1.12 16.16
C2 GOL D . -18.48 -0.07 15.14
O2 GOL D . -18.81 1.06 14.37
C3 GOL D . -19.20 -1.29 14.57
O3 GOL D . -20.23 -0.93 13.65
C1 GOL E . 2.11 6.12 -10.66
O1 GOL E . 1.09 6.06 -9.67
C2 GOL E . 1.53 6.12 -12.07
O2 GOL E . 2.53 6.43 -13.04
C3 GOL E . 0.91 4.77 -12.35
O3 GOL E . 0.47 4.73 -13.71
MG MG F . 1.98 -8.09 5.94
PG ANP G . 0.70 -4.63 5.31
O1G ANP G . 1.65 -5.71 5.81
O2G ANP G . 1.25 -3.88 4.12
O3G ANP G . 0.21 -3.64 6.38
PB ANP G . -0.99 -7.06 5.21
O1B ANP G . 0.14 -7.88 4.62
O2B ANP G . -2.40 -7.29 4.72
N3B ANP G . -0.65 -5.45 4.70
PA ANP G . -0.81 -8.03 7.93
O1A ANP G . -1.15 -7.23 9.13
O2A ANP G . 0.52 -8.74 7.74
O3A ANP G . -1.03 -6.95 6.80
O5' ANP G . -2.00 -9.10 7.75
C5' ANP G . -3.30 -8.67 8.07
C4' ANP G . -4.01 -9.81 8.73
O4' ANP G . -4.09 -10.90 7.82
C3' ANP G . -3.35 -10.42 9.99
O3' ANP G . -3.61 -9.73 11.23
C2' ANP G . -4.08 -11.75 10.02
O2' ANP G . -5.39 -11.49 10.55
C1' ANP G . -4.22 -12.13 8.59
N9 ANP G . -3.15 -13.05 8.16
C8 ANP G . -1.91 -12.66 7.85
N7 ANP G . -1.18 -13.68 7.43
C5 ANP G . -1.99 -14.77 7.49
C6 ANP G . -1.81 -16.20 7.22
N6 ANP G . -0.59 -16.64 6.79
N1 ANP G . -2.88 -16.99 7.35
C2 ANP G . -4.09 -16.55 7.81
N3 ANP G . -4.28 -15.26 8.13
C4 ANP G . -3.29 -14.36 7.98
#